data_4EPA
#
_entry.id   4EPA
#
_cell.length_a   181.179
_cell.length_b   181.179
_cell.length_c   319.861
_cell.angle_alpha   90.00
_cell.angle_beta   90.00
_cell.angle_gamma   90.00
#
_symmetry.space_group_name_H-M   'I 41 2 2'
#
loop_
_entity.id
_entity.type
_entity.pdbx_description
1 polymer 'Pesticin receptor'
2 non-polymer 'LAURYL DIMETHYLAMINE-N-OXIDE'
#
_entity_poly.entity_id   1
_entity_poly.type   'polypeptide(L)'
_entity_poly.pdbx_seq_one_letter_code
;GA(MSE)GQTSQQDESTLVVTASKQSSRSASANNVSSTVVSAPELSDAGVTASDKLPRVLPGLNIENSGN(MSE)LFSTI
SLRGVSSAQDFYNPAVTLYVDGVPQLSTNTIQALTDVQSVELLRGPQGTLYGKSAQGGIINIVTQQPDSTPRGYIEGGVS
SRDSYRSKFNLSGPIQDGLLYGSVTLLRQVDDGD(MSE)INPATGSDDLGGTRASIGNVKLRLAPDDQPWE(MSE)GFAA
SRECTRATQDAYVGWNDIKGRKLSISDGSPDPY(MSE)RRCTDSQTLSGKYTTDDWVFNLISAWQQQHYSRTFPSGSLIV
N(MSE)PQRWNQDVQELRAATLGDARTVD(MSE)VFGLYRQNTREKLNSAYD(MSE)PT(MSE)PYLSSTGYTTAETLAA
YSDLTWHLTDRFDIGGGVRFSHDKSSTQYHGS(MSE)LGNPFGDQGKSNDDQVLGQLSAGY(MSE)LTDDWRVYTRVAQG
YKPSGYNIVPTAGLDAKPFVAEKSINYELGTRYETADVTLQAATFYTHTKD(MSE)QLYSGPVR(MSE)QTLSNAGKADA
TGVELEAKWRFAPGWSWDINGNVIRSEFTNDSELYHGNRVPFVPRYGAGSSVNGVIDTRYGAL(MSE)PRLAVNLVGPHY
FDGDNQLRQGTYATLDSSLGWQATER(MSE)NISVYVDNLFDRRYRTYGY(MSE)NGSSAVAQVN(MSE)GRTVGINTRI
DFF
;
_entity_poly.pdbx_strand_id   A
#
# COMPACT_ATOMS: atom_id res chain seq x y z
N THR A 17 -11.64 -10.18 -9.23
CA THR A 17 -11.46 -10.92 -7.95
C THR A 17 -11.29 -9.93 -6.74
N ALA A 18 -10.71 -8.76 -7.04
CA ALA A 18 -10.80 -7.58 -6.19
C ALA A 18 -11.34 -6.44 -7.05
N SER A 19 -12.18 -6.81 -8.01
CA SER A 19 -12.95 -5.90 -8.82
C SER A 19 -14.36 -5.81 -8.25
N LYS A 20 -14.57 -6.47 -7.11
CA LYS A 20 -15.87 -6.56 -6.46
C LYS A 20 -17.00 -7.13 -7.32
N GLN A 21 -16.67 -7.75 -8.46
CA GLN A 21 -17.70 -8.24 -9.36
C GLN A 21 -17.27 -9.45 -10.15
N SER A 22 -18.01 -9.84 -11.17
CA SER A 22 -17.77 -11.11 -11.85
C SER A 22 -16.36 -11.24 -12.44
N SER A 23 -15.93 -12.47 -12.65
CA SER A 23 -14.64 -12.77 -13.28
C SER A 23 -14.59 -12.29 -14.71
N ARG A 24 -15.78 -12.07 -15.29
CA ARG A 24 -15.92 -11.74 -16.71
C ARG A 24 -16.12 -10.26 -17.00
N SER A 25 -16.28 -9.45 -15.96
CA SER A 25 -16.70 -8.07 -16.12
C SER A 25 -15.71 -7.15 -16.83
N ALA A 26 -16.17 -5.94 -17.11
CA ALA A 26 -15.35 -4.89 -17.71
C ALA A 26 -14.20 -4.55 -16.81
N SER A 27 -14.53 -4.27 -15.55
CA SER A 27 -13.55 -3.88 -14.56
C SER A 27 -12.53 -4.97 -14.19
N ALA A 28 -12.81 -6.23 -14.48
CA ALA A 28 -11.89 -7.29 -14.16
C ALA A 28 -10.90 -7.46 -15.29
N ASN A 29 -11.33 -7.18 -16.51
CA ASN A 29 -10.53 -7.53 -17.68
C ASN A 29 -9.96 -6.35 -18.46
N ASN A 30 -10.68 -5.24 -18.48
CA ASN A 30 -10.21 -4.05 -19.16
C ASN A 30 -9.42 -3.19 -18.17
N VAL A 31 -8.34 -3.76 -17.62
CA VAL A 31 -7.58 -3.12 -16.54
C VAL A 31 -6.23 -3.81 -16.41
N SER A 32 -5.19 -3.07 -16.06
CA SER A 32 -3.91 -3.70 -15.82
C SER A 32 -3.84 -4.04 -14.37
N SER A 33 -3.83 -5.34 -14.08
CA SER A 33 -3.80 -5.82 -12.71
C SER A 33 -2.71 -6.84 -12.59
N THR A 34 -2.32 -7.14 -11.35
CA THR A 34 -1.35 -8.17 -11.06
C THR A 34 -1.75 -8.81 -9.77
N VAL A 35 -1.70 -10.15 -9.71
CA VAL A 35 -2.04 -10.90 -8.50
C VAL A 35 -0.88 -11.77 -8.10
N VAL A 36 -0.62 -11.84 -6.82
CA VAL A 36 0.52 -12.55 -6.28
C VAL A 36 -0.01 -13.40 -5.16
N SER A 37 0.38 -14.67 -5.16
CA SER A 37 -0.15 -15.67 -4.23
C SER A 37 0.73 -15.76 -3.00
N ALA A 38 0.20 -16.37 -1.94
CA ALA A 38 0.88 -16.45 -0.64
C ALA A 38 2.25 -17.11 -0.71
N PRO A 39 2.38 -18.22 -1.44
CA PRO A 39 3.71 -18.80 -1.58
C PRO A 39 4.71 -17.90 -2.31
N GLU A 40 4.28 -17.19 -3.33
CA GLU A 40 5.17 -16.28 -4.05
C GLU A 40 5.68 -15.16 -3.14
N LEU A 41 4.83 -14.70 -2.23
CA LEU A 41 5.21 -13.64 -1.31
C LEU A 41 6.36 -14.10 -0.41
N SER A 42 6.29 -15.34 0.06
CA SER A 42 7.36 -15.93 0.90
C SER A 42 8.63 -16.11 0.12
N ASP A 43 8.52 -16.64 -1.09
CA ASP A 43 9.68 -16.84 -1.95
C ASP A 43 10.45 -15.55 -2.15
N ALA A 44 9.74 -14.42 -2.23
CA ALA A 44 10.39 -13.11 -2.41
C ALA A 44 10.72 -12.43 -1.09
N GLY A 45 10.40 -13.06 0.02
CA GLY A 45 10.65 -12.46 1.32
C GLY A 45 9.80 -11.24 1.65
N VAL A 46 8.58 -11.21 1.10
CA VAL A 46 7.68 -10.11 1.34
C VAL A 46 7.00 -10.40 2.64
N THR A 47 7.58 -9.91 3.71
CA THR A 47 7.07 -10.13 5.03
C THR A 47 6.26 -8.94 5.54
N ALA A 48 6.15 -7.88 4.74
CA ALA A 48 5.55 -6.62 5.18
C ALA A 48 5.15 -5.78 3.97
N SER A 49 4.17 -4.89 4.13
CA SER A 49 3.61 -4.08 3.01
C SER A 49 4.66 -3.48 2.11
N ASP A 50 5.65 -2.86 2.75
CA ASP A 50 6.66 -2.06 2.08
C ASP A 50 7.63 -2.87 1.29
N LYS A 51 7.42 -4.16 1.17
CA LYS A 51 8.26 -4.97 0.32
C LYS A 51 7.51 -5.52 -0.87
N LEU A 52 6.26 -5.10 -1.02
CA LEU A 52 5.46 -5.50 -2.16
C LEU A 52 6.09 -5.09 -3.48
N PRO A 53 6.85 -3.99 -3.53
CA PRO A 53 7.52 -3.73 -4.79
C PRO A 53 8.26 -4.93 -5.36
N ARG A 54 8.81 -5.79 -4.53
CA ARG A 54 9.53 -6.97 -5.04
C ARG A 54 8.66 -7.87 -5.92
N VAL A 55 7.34 -7.78 -5.80
CA VAL A 55 6.43 -8.64 -6.56
C VAL A 55 5.36 -7.88 -7.33
N LEU A 56 5.23 -6.58 -7.11
CA LEU A 56 4.25 -5.76 -7.84
C LEU A 56 4.97 -4.72 -8.72
N PRO A 57 5.19 -5.05 -10.00
CA PRO A 57 5.89 -4.17 -10.89
C PRO A 57 5.29 -2.78 -10.96
N GLY A 58 6.15 -1.76 -10.95
CA GLY A 58 5.73 -0.37 -11.07
C GLY A 58 5.46 0.31 -9.75
N LEU A 59 5.46 -0.45 -8.66
CA LEU A 59 5.10 0.08 -7.36
C LEU A 59 6.37 0.50 -6.68
N ASN A 60 6.34 1.70 -6.10
CA ASN A 60 7.43 2.18 -5.26
C ASN A 60 6.86 2.60 -3.93
N ILE A 61 7.37 1.99 -2.85
CA ILE A 61 7.03 2.39 -1.50
C ILE A 61 8.32 2.66 -0.79
N GLU A 62 8.35 3.78 -0.06
CA GLU A 62 9.44 4.09 0.87
C GLU A 62 8.87 4.86 2.06
N ASN A 63 9.54 4.80 3.20
CA ASN A 63 9.15 5.62 4.36
C ASN A 63 9.55 7.06 4.09
N SER A 64 8.67 8.00 4.39
CA SER A 64 9.04 9.40 4.34
C SER A 64 9.17 9.84 5.79
N GLY A 65 10.39 9.74 6.32
CA GLY A 65 10.62 10.06 7.71
C GLY A 65 10.50 8.81 8.55
N ASN A 66 9.34 8.15 8.50
CA ASN A 66 9.16 6.83 9.12
C ASN A 66 7.84 6.14 8.81
N LEU A 68 4.95 5.55 9.64
CA LEU A 68 3.61 6.13 9.63
C LEU A 68 3.28 6.83 8.32
N PHE A 69 4.30 7.29 7.60
CA PHE A 69 4.06 8.01 6.39
C PHE A 69 4.79 7.34 5.27
N SER A 70 4.06 6.86 4.27
CA SER A 70 4.69 6.26 3.13
C SER A 70 4.80 7.30 2.04
N THR A 71 5.55 6.98 1.01
CA THR A 71 5.64 7.78 -0.20
C THR A 71 5.31 6.83 -1.33
N ILE A 72 4.19 6.15 -1.18
CA ILE A 72 3.75 5.17 -2.14
C ILE A 72 3.46 5.85 -3.45
N SER A 73 3.90 5.26 -4.56
CA SER A 73 3.66 5.84 -5.89
C SER A 73 3.60 4.79 -6.99
N LEU A 74 2.81 5.07 -8.02
CA LEU A 74 2.50 4.07 -9.06
C LEU A 74 1.93 4.76 -10.30
N ARG A 75 2.47 4.46 -11.48
CA ARG A 75 2.04 5.11 -12.70
C ARG A 75 2.30 6.60 -12.58
N GLY A 76 3.44 6.95 -11.99
CA GLY A 76 3.82 8.35 -11.87
C GLY A 76 2.80 9.28 -11.27
N VAL A 77 1.95 8.75 -10.39
CA VAL A 77 1.05 9.54 -9.59
C VAL A 77 1.58 9.38 -8.19
N SER A 78 1.71 10.47 -7.45
CA SER A 78 2.26 10.37 -6.10
C SER A 78 1.78 11.39 -5.10
N SER A 79 2.43 11.36 -3.95
CA SER A 79 1.82 11.68 -2.67
C SER A 79 1.34 13.12 -2.40
N ALA A 80 2.10 14.20 -2.70
CA ALA A 80 3.55 14.23 -2.89
C ALA A 80 4.17 14.89 -1.64
N GLN A 81 3.77 16.14 -1.37
CA GLN A 81 4.09 16.79 -0.09
C GLN A 81 3.17 16.31 1.07
N ASP A 82 1.93 15.87 0.78
CA ASP A 82 0.96 15.45 1.84
C ASP A 82 0.87 13.94 2.05
N PHE A 83 1.27 13.49 3.23
CA PHE A 83 1.45 12.07 3.47
C PHE A 83 0.30 11.38 4.21
N TYR A 84 -0.69 12.14 4.64
CA TYR A 84 -1.91 11.55 5.18
C TYR A 84 -2.93 11.16 4.11
N ASN A 85 -2.70 11.53 2.86
CA ASN A 85 -3.59 11.14 1.76
C ASN A 85 -2.78 10.66 0.57
N PRO A 86 -2.58 9.34 0.47
CA PRO A 86 -1.73 8.80 -0.58
C PRO A 86 -2.46 8.70 -1.92
N ALA A 87 -1.73 8.31 -2.97
CA ALA A 87 -2.33 8.11 -4.30
C ALA A 87 -2.78 6.67 -4.49
N VAL A 88 -2.12 5.73 -3.81
CA VAL A 88 -2.55 4.35 -3.78
C VAL A 88 -3.05 4.06 -2.40
N THR A 89 -4.17 3.37 -2.26
CA THR A 89 -4.64 3.01 -0.93
C THR A 89 -4.66 1.50 -0.73
N LEU A 90 -4.36 1.07 0.49
CA LEU A 90 -4.28 -0.34 0.82
C LEU A 90 -5.59 -0.74 1.43
N TYR A 91 -6.28 -1.68 0.81
CA TYR A 91 -7.53 -2.21 1.36
C TYR A 91 -7.23 -3.63 1.79
N VAL A 92 -7.76 -4.07 2.93
CA VAL A 92 -7.62 -5.46 3.37
C VAL A 92 -8.98 -6.11 3.52
N ASP A 93 -9.29 -7.00 2.57
CA ASP A 93 -10.63 -7.53 2.34
C ASP A 93 -11.57 -6.40 2.06
N GLY A 94 -11.12 -5.47 1.23
CA GLY A 94 -11.98 -4.37 0.80
C GLY A 94 -12.09 -3.24 1.80
N VAL A 95 -11.53 -3.43 3.00
CA VAL A 95 -11.58 -2.39 4.02
C VAL A 95 -10.40 -1.44 3.91
N PRO A 96 -10.65 -0.15 3.71
CA PRO A 96 -9.50 0.74 3.59
C PRO A 96 -8.76 0.82 4.88
N GLN A 97 -7.44 0.84 4.79
CA GLN A 97 -6.64 1.02 5.97
C GLN A 97 -6.45 2.49 6.31
N LEU A 98 -6.03 2.78 7.54
CA LEU A 98 -5.66 4.12 7.88
C LEU A 98 -4.39 4.39 7.11
N SER A 99 -4.18 5.63 6.70
CA SER A 99 -2.97 6.00 5.95
C SER A 99 -1.74 5.69 6.77
N THR A 100 -1.83 5.98 8.07
CA THR A 100 -0.75 5.73 9.02
C THR A 100 -0.56 4.26 9.37
N ASN A 101 -1.30 3.36 8.74
CA ASN A 101 -1.14 1.94 8.96
C ASN A 101 -0.98 1.22 7.64
N THR A 102 -0.49 1.92 6.63
CA THR A 102 -0.28 1.32 5.33
C THR A 102 0.91 0.40 5.36
N ILE A 103 1.98 0.81 6.03
CA ILE A 103 3.15 -0.03 6.14
C ILE A 103 2.91 -0.84 7.37
N GLN A 104 2.47 -2.08 7.18
CA GLN A 104 2.13 -3.00 8.25
C GLN A 104 2.78 -4.33 7.94
N ALA A 105 2.80 -5.26 8.89
CA ALA A 105 3.28 -6.61 8.63
C ALA A 105 2.17 -7.35 7.93
N LEU A 106 2.53 -8.30 7.06
CA LEU A 106 1.53 -9.19 6.45
C LEU A 106 1.41 -10.39 7.35
N THR A 107 0.21 -10.69 7.83
CA THR A 107 0.11 -11.66 8.88
C THR A 107 -0.45 -13.00 8.40
N ASP A 108 -1.49 -13.01 7.58
CA ASP A 108 -1.99 -14.30 7.06
C ASP A 108 -2.66 -14.12 5.73
N VAL A 109 -1.86 -13.76 4.75
CA VAL A 109 -2.38 -13.35 3.47
C VAL A 109 -2.50 -14.55 2.57
N GLN A 110 -3.58 -14.60 1.81
CA GLN A 110 -3.73 -15.59 0.76
C GLN A 110 -3.20 -15.06 -0.56
N SER A 111 -3.42 -13.78 -0.82
CA SER A 111 -2.97 -13.13 -2.05
C SER A 111 -3.00 -11.62 -1.92
N VAL A 112 -2.21 -10.93 -2.74
CA VAL A 112 -2.32 -9.49 -2.88
C VAL A 112 -2.57 -9.16 -4.33
N GLU A 113 -3.54 -8.31 -4.57
CA GLU A 113 -3.92 -7.97 -5.90
C GLU A 113 -3.70 -6.48 -6.04
N LEU A 114 -3.17 -6.06 -7.19
CA LEU A 114 -2.90 -4.65 -7.45
C LEU A 114 -3.67 -4.24 -8.66
N LEU A 115 -4.41 -3.15 -8.57
CA LEU A 115 -5.04 -2.61 -9.76
C LEU A 115 -4.38 -1.29 -10.11
N ARG A 116 -3.85 -1.17 -11.31
CA ARG A 116 -3.19 0.03 -11.74
C ARG A 116 -4.23 0.93 -12.38
N GLY A 117 -3.94 2.23 -12.38
CA GLY A 117 -4.88 3.23 -12.92
C GLY A 117 -5.88 3.65 -11.84
N PRO A 118 -6.57 4.79 -12.03
CA PRO A 118 -7.47 5.29 -11.01
C PRO A 118 -8.58 4.34 -10.78
N GLN A 119 -9.09 4.29 -9.56
CA GLN A 119 -10.13 3.35 -9.22
C GLN A 119 -11.21 4.03 -8.42
N GLY A 120 -11.45 5.29 -8.72
CA GLY A 120 -12.33 6.07 -7.88
C GLY A 120 -13.73 5.52 -7.76
N THR A 121 -14.19 4.89 -8.84
CA THR A 121 -15.55 4.37 -8.92
C THR A 121 -15.77 3.24 -7.94
N LEU A 122 -14.89 2.24 -8.03
CA LEU A 122 -15.06 1.03 -7.25
C LEU A 122 -14.56 1.19 -5.82
N TYR A 123 -13.55 2.02 -5.59
CA TYR A 123 -12.92 2.09 -4.26
C TYR A 123 -13.01 3.43 -3.56
N GLY A 124 -12.98 4.54 -4.30
CA GLY A 124 -13.23 5.85 -3.72
C GLY A 124 -12.00 6.73 -3.56
N LYS A 125 -11.90 7.37 -2.41
CA LYS A 125 -10.86 8.38 -2.22
C LYS A 125 -9.48 7.76 -2.19
N SER A 126 -8.49 8.59 -2.44
CA SER A 126 -7.09 8.19 -2.48
C SER A 126 -6.86 6.96 -3.35
N ALA A 127 -7.49 6.93 -4.52
CA ALA A 127 -7.39 5.78 -5.42
C ALA A 127 -6.98 6.19 -6.82
N GLN A 128 -5.89 6.94 -6.93
CA GLN A 128 -5.52 7.59 -8.19
C GLN A 128 -4.47 6.85 -8.97
N GLY A 129 -3.43 6.39 -8.29
CA GLY A 129 -2.43 5.55 -8.93
C GLY A 129 -3.00 4.14 -9.11
N GLY A 130 -3.51 3.61 -8.00
CA GLY A 130 -4.23 2.36 -8.07
C GLY A 130 -4.84 1.99 -6.74
N ILE A 131 -4.93 0.70 -6.49
CA ILE A 131 -5.18 0.17 -5.18
C ILE A 131 -4.46 -1.15 -5.03
N ILE A 132 -4.05 -1.42 -3.79
CA ILE A 132 -3.50 -2.71 -3.38
C ILE A 132 -4.55 -3.32 -2.49
N ASN A 133 -4.83 -4.60 -2.71
CA ASN A 133 -5.84 -5.30 -1.96
C ASN A 133 -5.36 -6.64 -1.47
N ILE A 134 -5.12 -6.73 -0.17
CA ILE A 134 -4.82 -7.97 0.50
C ILE A 134 -6.10 -8.77 0.74
N VAL A 135 -6.07 -10.05 0.37
CA VAL A 135 -7.18 -10.98 0.63
C VAL A 135 -6.70 -11.92 1.70
N THR A 136 -7.25 -11.80 2.89
CA THR A 136 -6.82 -12.64 4.00
C THR A 136 -7.45 -13.99 3.77
N GLN A 137 -6.95 -15.03 4.42
CA GLN A 137 -7.52 -16.35 4.18
C GLN A 137 -8.47 -16.75 5.24
N GLN A 138 -9.58 -17.34 4.79
CA GLN A 138 -10.70 -17.72 5.62
C GLN A 138 -10.46 -19.13 6.08
N PRO A 139 -10.71 -19.39 7.38
CA PRO A 139 -10.58 -20.74 7.88
C PRO A 139 -11.71 -21.57 7.35
N ASP A 140 -11.43 -22.84 7.04
CA ASP A 140 -12.45 -23.71 6.51
C ASP A 140 -12.33 -25.08 7.15
N SER A 141 -13.05 -26.07 6.62
CA SER A 141 -13.14 -27.41 7.18
C SER A 141 -11.81 -28.13 7.20
N THR A 142 -10.93 -27.84 6.24
CA THR A 142 -9.58 -28.42 6.26
C THR A 142 -8.71 -27.81 7.33
N PRO A 143 -8.19 -28.62 8.25
CA PRO A 143 -7.25 -28.09 9.21
C PRO A 143 -5.95 -27.71 8.55
N ARG A 144 -5.36 -26.62 9.01
CA ARG A 144 -4.25 -25.99 8.33
C ARG A 144 -3.47 -25.21 9.37
N GLY A 145 -2.16 -25.24 9.30
CA GLY A 145 -1.34 -24.44 10.21
C GLY A 145 0.15 -24.53 9.96
N TYR A 146 0.95 -23.69 10.62
CA TYR A 146 2.40 -23.73 10.45
C TYR A 146 3.18 -22.86 11.39
N ILE A 147 4.48 -23.06 11.38
CA ILE A 147 5.44 -22.22 12.06
C ILE A 147 6.40 -21.69 11.03
N GLU A 148 6.81 -20.44 11.15
CA GLU A 148 7.79 -19.90 10.24
C GLU A 148 8.74 -19.16 11.16
N GLY A 149 10.04 -19.24 10.92
CA GLY A 149 10.98 -18.68 11.88
C GLY A 149 12.36 -18.40 11.33
N GLY A 150 12.81 -17.16 11.50
CA GLY A 150 14.04 -16.72 10.90
C GLY A 150 14.96 -15.96 11.84
N VAL A 151 16.15 -15.68 11.35
CA VAL A 151 17.07 -14.81 12.02
C VAL A 151 17.89 -14.21 10.90
N SER A 152 18.19 -12.91 10.97
CA SER A 152 18.86 -12.20 9.89
C SER A 152 19.92 -11.24 10.41
N SER A 153 20.49 -10.45 9.52
CA SER A 153 21.54 -9.50 9.89
C SER A 153 21.01 -8.46 10.85
N ARG A 154 21.93 -7.84 11.57
CA ARG A 154 21.59 -6.76 12.50
C ARG A 154 20.69 -7.26 13.61
N ASP A 155 20.87 -8.52 13.96
CA ASP A 155 20.12 -9.13 15.04
C ASP A 155 18.64 -9.02 14.84
N SER A 156 18.20 -9.30 13.62
CA SER A 156 16.80 -9.30 13.25
C SER A 156 16.29 -10.73 13.32
N TYR A 157 15.02 -10.90 13.69
CA TYR A 157 14.39 -12.22 13.70
C TYR A 157 12.95 -12.06 13.37
N ARG A 158 12.25 -13.19 13.27
CA ARG A 158 10.88 -13.19 12.80
C ARG A 158 10.30 -14.52 13.21
N SER A 159 9.05 -14.53 13.67
CA SER A 159 8.47 -15.75 14.19
C SER A 159 6.96 -15.72 14.14
N LYS A 160 6.38 -16.70 13.47
CA LYS A 160 4.97 -16.71 13.18
C LYS A 160 4.37 -18.08 13.46
N PHE A 161 3.23 -18.10 14.12
CA PHE A 161 2.52 -19.34 14.42
C PHE A 161 1.12 -19.16 13.95
N ASN A 162 0.61 -20.12 13.22
CA ASN A 162 -0.75 -20.05 12.71
C ASN A 162 -1.43 -21.38 12.79
N LEU A 163 -2.68 -21.38 13.22
CA LEU A 163 -3.47 -22.60 13.33
C LEU A 163 -4.87 -22.24 12.91
N SER A 164 -5.48 -23.02 12.02
CA SER A 164 -6.87 -22.75 11.64
C SER A 164 -7.64 -24.03 11.41
N GLY A 165 -8.95 -23.93 11.23
CA GLY A 165 -9.78 -25.12 11.00
C GLY A 165 -11.09 -25.11 11.74
N PRO A 166 -11.81 -26.24 11.73
CA PRO A 166 -13.14 -26.32 12.30
C PRO A 166 -13.19 -26.25 13.80
N ILE A 167 -14.12 -25.47 14.32
CA ILE A 167 -14.41 -25.39 15.75
C ILE A 167 -15.57 -26.31 16.07
N GLN A 168 -16.60 -26.27 15.21
CA GLN A 168 -17.71 -27.22 15.23
C GLN A 168 -18.09 -27.54 13.80
N ASP A 169 -17.57 -28.65 13.26
CA ASP A 169 -17.58 -28.86 11.81
C ASP A 169 -18.98 -28.71 11.23
N GLY A 170 -19.04 -28.24 9.99
CA GLY A 170 -20.29 -27.90 9.33
C GLY A 170 -20.95 -26.63 9.85
N LEU A 171 -20.30 -25.90 10.75
CA LEU A 171 -20.91 -24.71 11.30
C LEU A 171 -19.92 -23.58 11.52
N LEU A 172 -18.91 -23.79 12.35
CA LEU A 172 -18.07 -22.71 12.81
C LEU A 172 -16.61 -23.04 12.57
N TYR A 173 -15.87 -22.15 11.95
CA TYR A 173 -14.46 -22.38 11.72
C TYR A 173 -13.70 -21.20 12.27
N GLY A 174 -12.40 -21.37 12.48
CA GLY A 174 -11.60 -20.38 13.19
C GLY A 174 -10.13 -20.39 12.85
N SER A 175 -9.45 -19.32 13.18
CA SER A 175 -8.02 -19.23 12.98
C SER A 175 -7.38 -18.24 13.91
N VAL A 176 -6.09 -18.42 14.14
CA VAL A 176 -5.32 -17.62 15.04
C VAL A 176 -3.93 -17.47 14.46
N THR A 177 -3.42 -16.25 14.38
CA THR A 177 -2.05 -16.04 13.99
C THR A 177 -1.37 -15.12 14.98
N LEU A 178 -0.16 -15.47 15.36
CA LEU A 178 0.69 -14.65 16.19
C LEU A 178 1.99 -14.43 15.46
N LEU A 179 2.46 -13.19 15.47
CA LEU A 179 3.64 -12.79 14.72
C LEU A 179 4.50 -11.89 15.56
N ARG A 180 5.80 -12.11 15.51
CA ARG A 180 6.77 -11.21 16.08
C ARG A 180 7.83 -11.00 15.02
N GLN A 181 7.79 -9.85 14.35
CA GLN A 181 8.83 -9.46 13.40
C GLN A 181 9.65 -8.33 13.99
N VAL A 182 10.97 -8.50 13.97
CA VAL A 182 11.91 -7.44 14.28
C VAL A 182 12.89 -7.32 13.15
N ASP A 183 12.80 -6.25 12.35
CA ASP A 183 13.75 -5.99 11.25
C ASP A 183 14.62 -4.77 11.63
N ASP A 184 15.68 -5.02 12.39
CA ASP A 184 16.47 -3.97 13.05
C ASP A 184 17.49 -3.29 12.16
N GLY A 185 17.81 -2.04 12.48
CA GLY A 185 18.84 -1.27 11.79
C GLY A 185 20.10 -1.27 12.62
N ASP A 186 21.14 -0.60 12.15
CA ASP A 186 22.42 -0.55 12.87
C ASP A 186 22.99 0.85 12.96
N ILE A 188 23.67 4.73 14.46
CA ILE A 188 24.21 5.15 15.75
C ILE A 188 23.77 6.55 16.08
N ASN A 189 23.55 6.79 17.37
CA ASN A 189 23.26 8.12 17.88
C ASN A 189 24.48 8.59 18.62
N PRO A 190 25.26 9.47 18.02
CA PRO A 190 26.39 10.03 18.70
C PRO A 190 26.07 10.42 20.14
N ALA A 191 24.97 11.13 20.33
CA ALA A 191 24.59 11.66 21.64
C ALA A 191 24.51 10.59 22.75
N THR A 192 24.00 9.40 22.44
CA THR A 192 23.82 8.33 23.44
C THR A 192 24.75 7.18 23.23
N GLY A 193 25.04 6.87 21.98
CA GLY A 193 25.88 5.75 21.63
C GLY A 193 25.10 4.47 21.43
N SER A 194 23.78 4.57 21.35
CA SER A 194 22.96 3.44 20.92
C SER A 194 23.33 3.15 19.48
N ASP A 195 23.41 1.88 19.12
CA ASP A 195 23.89 1.50 17.80
C ASP A 195 22.97 0.51 17.08
N ASP A 196 21.68 0.56 17.41
CA ASP A 196 20.72 -0.38 16.88
C ASP A 196 19.51 0.35 16.28
N LEU A 197 19.68 1.62 15.96
CA LEU A 197 18.56 2.46 15.56
C LEU A 197 18.21 2.27 14.11
N GLY A 198 17.06 2.79 13.71
CA GLY A 198 16.62 2.71 12.31
C GLY A 198 15.58 1.65 12.00
N GLY A 199 15.40 0.71 12.93
CA GLY A 199 14.53 -0.45 12.71
C GLY A 199 13.14 -0.41 13.31
N THR A 200 12.46 -1.55 13.25
CA THR A 200 11.10 -1.69 13.72
C THR A 200 10.93 -3.04 14.41
N ARG A 201 10.00 -3.11 15.36
CA ARG A 201 9.76 -4.29 16.15
C ARG A 201 8.28 -4.44 16.47
N ALA A 202 7.58 -5.33 15.77
CA ALA A 202 6.14 -5.46 15.93
C ALA A 202 5.76 -6.79 16.52
N SER A 203 4.73 -6.79 17.35
CA SER A 203 4.07 -7.99 17.84
C SER A 203 2.64 -7.92 17.35
N ILE A 204 2.10 -8.98 16.78
CA ILE A 204 0.77 -8.92 16.18
C ILE A 204 -0.05 -10.15 16.45
N GLY A 205 -1.32 -9.94 16.79
CA GLY A 205 -2.27 -11.02 17.03
C GLY A 205 -3.47 -10.89 16.13
N ASN A 206 -4.09 -11.99 15.77
CA ASN A 206 -5.13 -11.96 14.78
C ASN A 206 -6.00 -13.17 14.85
N VAL A 207 -7.26 -13.02 15.27
CA VAL A 207 -8.22 -14.15 15.29
C VAL A 207 -9.35 -14.03 14.28
N LYS A 208 -9.80 -15.15 13.71
CA LYS A 208 -10.95 -15.16 12.80
C LYS A 208 -12.01 -16.18 13.21
N LEU A 209 -13.27 -15.80 13.13
CA LEU A 209 -14.36 -16.74 13.23
C LEU A 209 -15.16 -16.67 11.96
N ARG A 210 -15.50 -17.83 11.42
CA ARG A 210 -16.35 -17.92 10.24
C ARG A 210 -17.53 -18.83 10.54
N LEU A 211 -18.74 -18.37 10.28
CA LEU A 211 -19.93 -19.12 10.63
C LEU A 211 -20.63 -19.47 9.35
N ALA A 212 -20.31 -20.64 8.80
CA ALA A 212 -20.80 -21.04 7.48
C ALA A 212 -21.61 -22.32 7.54
N PRO A 213 -22.84 -22.27 8.09
CA PRO A 213 -23.72 -23.43 8.18
C PRO A 213 -23.75 -24.24 6.92
N ASP A 214 -23.78 -25.56 7.08
CA ASP A 214 -23.35 -26.48 6.03
C ASP A 214 -24.25 -26.45 4.79
N ASP A 215 -25.57 -26.35 4.98
CA ASP A 215 -26.48 -26.29 3.84
C ASP A 215 -27.35 -25.07 3.95
N GLN A 216 -26.73 -23.92 3.79
CA GLN A 216 -27.42 -22.63 3.83
C GLN A 216 -26.77 -21.73 2.80
N PRO A 217 -27.43 -20.61 2.45
CA PRO A 217 -26.82 -19.73 1.44
C PRO A 217 -25.96 -18.58 2.02
N TRP A 218 -25.83 -18.50 3.34
CA TRP A 218 -25.20 -17.35 3.99
C TRP A 218 -24.04 -17.70 4.90
N GLU A 219 -23.06 -16.80 4.96
CA GLU A 219 -21.94 -16.90 5.92
C GLU A 219 -21.87 -15.63 6.72
N GLY A 221 -18.64 -13.44 9.09
CA GLY A 221 -17.24 -13.42 9.47
C GLY A 221 -17.01 -12.57 10.70
N PHE A 222 -15.98 -12.89 11.47
CA PHE A 222 -15.50 -11.95 12.44
C PHE A 222 -13.99 -12.03 12.51
N ALA A 223 -13.33 -10.87 12.50
CA ALA A 223 -11.89 -10.79 12.61
C ALA A 223 -11.57 -9.75 13.67
N ALA A 224 -10.56 -10.03 14.48
CA ALA A 224 -10.05 -9.08 15.43
C ALA A 224 -8.56 -9.04 15.18
N SER A 225 -7.88 -7.97 15.56
CA SER A 225 -6.42 -7.95 15.51
C SER A 225 -5.82 -6.88 16.37
N ARG A 226 -4.55 -7.05 16.71
CA ARG A 226 -3.87 -6.11 17.57
C ARG A 226 -2.41 -6.13 17.17
N GLU A 227 -1.94 -4.98 16.69
CA GLU A 227 -0.55 -4.80 16.32
C GLU A 227 0.05 -3.77 17.24
N CYS A 228 1.28 -4.00 17.67
CA CYS A 228 2.05 -3.04 18.41
C CYS A 228 3.44 -3.00 17.89
N THR A 229 3.74 -2.01 17.05
CA THR A 229 5.10 -1.79 16.58
C THR A 229 5.76 -0.66 17.33
N ARG A 230 7.05 -0.81 17.62
CA ARG A 230 7.91 0.28 18.09
C ARG A 230 8.91 0.48 17.00
N ALA A 231 9.24 1.73 16.73
CA ALA A 231 10.27 2.01 15.75
C ALA A 231 11.12 3.16 16.24
N THR A 232 12.40 3.13 15.92
CA THR A 232 13.32 4.20 16.24
C THR A 232 13.85 4.72 14.95
N GLN A 233 13.25 5.78 14.43
CA GLN A 233 13.57 6.23 13.09
C GLN A 233 12.86 7.50 12.69
N ASP A 234 13.18 8.63 13.27
CA ASP A 234 12.82 9.88 12.61
C ASP A 234 14.15 10.58 12.52
N ALA A 235 15.15 9.88 11.99
CA ALA A 235 16.51 10.36 12.00
C ALA A 235 17.09 10.27 10.62
N TYR A 236 17.97 11.21 10.29
CA TYR A 236 18.55 11.30 8.97
C TYR A 236 20.07 11.31 9.09
N VAL A 237 20.73 11.21 7.96
CA VAL A 237 22.15 11.16 7.91
C VAL A 237 22.56 12.25 6.90
N GLY A 238 23.84 12.57 6.77
CA GLY A 238 24.22 13.64 5.85
C GLY A 238 23.81 13.26 4.44
N TRP A 239 23.36 14.21 3.63
CA TRP A 239 22.92 13.87 2.28
C TRP A 239 23.96 13.22 1.38
N ASN A 240 25.24 13.43 1.66
CA ASN A 240 26.28 12.86 0.82
C ASN A 240 27.07 11.83 1.56
N ASP A 241 26.55 11.40 2.70
CA ASP A 241 27.20 10.42 3.58
C ASP A 241 26.34 9.14 3.66
N ILE A 242 26.13 8.48 2.52
CA ILE A 242 25.14 7.39 2.47
C ILE A 242 25.60 6.12 3.14
N LYS A 243 26.88 5.78 2.98
CA LYS A 243 27.40 4.53 3.54
C LYS A 243 27.63 4.62 5.03
N GLY A 244 27.66 5.84 5.56
CA GLY A 244 27.96 6.06 6.97
C GLY A 244 26.85 5.58 7.88
N ARG A 245 27.14 5.57 9.18
CA ARG A 245 26.19 5.10 10.20
C ARG A 245 25.87 6.12 11.29
N LYS A 246 26.67 7.17 11.41
CA LYS A 246 26.48 8.14 12.49
C LYS A 246 25.38 9.08 12.07
N LEU A 247 24.27 9.06 12.80
CA LEU A 247 23.13 9.91 12.51
C LEU A 247 23.45 11.36 12.82
N SER A 248 22.76 12.28 12.15
CA SER A 248 22.89 13.71 12.40
C SER A 248 22.05 14.14 13.58
N ILE A 249 22.53 13.86 14.78
CA ILE A 249 21.83 14.24 15.99
C ILE A 249 22.84 14.92 16.91
N SER A 250 22.63 16.21 17.19
CA SER A 250 23.54 16.98 18.04
C SER A 250 23.52 16.45 19.48
N ASP A 251 24.59 16.70 20.23
CA ASP A 251 24.75 16.15 21.57
C ASP A 251 23.66 16.69 22.45
N GLY A 252 23.30 15.94 23.49
CA GLY A 252 22.17 16.30 24.36
C GLY A 252 20.90 15.60 23.94
N SER A 253 20.59 15.63 22.64
CA SER A 253 19.42 14.95 22.08
C SER A 253 19.33 13.49 22.51
N PRO A 254 18.12 12.99 22.78
CA PRO A 254 17.94 11.60 23.11
C PRO A 254 17.71 10.81 21.83
N ASP A 255 17.47 9.50 21.92
CA ASP A 255 17.10 8.73 20.73
C ASP A 255 15.68 9.09 20.33
N PRO A 256 15.32 8.89 19.06
CA PRO A 256 13.94 9.03 18.65
C PRO A 256 13.20 7.78 19.05
N TYR A 257 11.87 7.88 19.17
CA TYR A 257 11.09 6.76 19.66
C TYR A 257 9.65 6.96 19.38
N ARG A 259 5.87 4.51 18.88
CA ARG A 259 5.27 3.26 19.25
C ARG A 259 3.80 3.31 18.92
N ARG A 260 3.36 2.48 18.01
CA ARG A 260 1.99 2.56 17.57
C ARG A 260 1.25 1.29 17.89
N CYS A 261 -0.04 1.42 18.20
CA CYS A 261 -0.94 0.29 18.43
C CYS A 261 -2.19 0.45 17.59
N THR A 262 -2.44 -0.47 16.68
CA THR A 262 -3.67 -0.47 15.91
C THR A 262 -4.49 -1.67 16.32
N ASP A 263 -5.78 -1.47 16.56
CA ASP A 263 -6.74 -2.52 16.83
C ASP A 263 -7.78 -2.47 15.76
N SER A 264 -8.11 -3.61 15.17
CA SER A 264 -9.08 -3.66 14.09
C SER A 264 -10.11 -4.73 14.38
N GLN A 265 -11.33 -4.51 13.88
CA GLN A 265 -12.43 -5.44 14.05
C GLN A 265 -13.30 -5.38 12.83
N THR A 266 -13.37 -6.48 12.10
CA THR A 266 -14.25 -6.57 10.93
C THR A 266 -15.38 -7.55 11.18
N LEU A 267 -16.54 -7.24 10.60
CA LEU A 267 -17.73 -8.05 10.74
C LEU A 267 -18.32 -8.19 9.36
N SER A 268 -18.15 -9.37 8.78
CA SER A 268 -18.56 -9.67 7.41
C SER A 268 -19.97 -10.29 7.31
N GLY A 269 -20.33 -10.74 6.12
CA GLY A 269 -21.70 -11.12 5.80
C GLY A 269 -21.87 -11.35 4.30
N LYS A 270 -22.49 -12.46 3.96
CA LYS A 270 -22.57 -12.88 2.59
C LYS A 270 -23.93 -13.54 2.42
N TYR A 271 -24.43 -13.61 1.20
CA TYR A 271 -25.68 -14.29 0.93
C TYR A 271 -25.75 -14.60 -0.56
N THR A 272 -25.80 -15.87 -0.92
CA THR A 272 -25.79 -16.24 -2.33
C THR A 272 -27.15 -16.73 -2.83
N THR A 273 -27.43 -16.40 -4.08
CA THR A 273 -28.65 -16.73 -4.77
C THR A 273 -28.22 -17.44 -6.05
N ASP A 274 -29.18 -17.88 -6.85
CA ASP A 274 -28.84 -18.48 -8.14
C ASP A 274 -28.12 -17.43 -9.00
N ASP A 275 -28.63 -16.20 -8.97
CA ASP A 275 -28.18 -15.16 -9.89
C ASP A 275 -27.39 -13.96 -9.28
N TRP A 276 -27.41 -13.83 -7.94
CA TRP A 276 -26.88 -12.66 -7.27
C TRP A 276 -26.15 -13.03 -6.00
N VAL A 277 -25.18 -12.21 -5.59
CA VAL A 277 -24.49 -12.39 -4.32
C VAL A 277 -24.41 -11.05 -3.60
N PHE A 278 -24.90 -11.02 -2.38
CA PHE A 278 -24.98 -9.79 -1.62
C PHE A 278 -23.94 -9.90 -0.52
N ASN A 279 -23.00 -8.95 -0.44
CA ASN A 279 -22.06 -8.88 0.71
C ASN A 279 -22.37 -7.65 1.54
N LEU A 280 -22.10 -7.78 2.83
CA LEU A 280 -22.20 -6.69 3.79
C LEU A 280 -20.87 -6.69 4.55
N ILE A 281 -20.39 -5.51 4.91
CA ILE A 281 -19.14 -5.35 5.65
C ILE A 281 -19.35 -4.28 6.71
N SER A 282 -18.61 -4.39 7.79
CA SER A 282 -18.61 -3.35 8.79
C SER A 282 -17.36 -3.48 9.63
N ALA A 283 -16.39 -2.60 9.39
CA ALA A 283 -15.11 -2.62 10.06
C ALA A 283 -14.95 -1.43 11.00
N TRP A 284 -13.95 -1.53 11.84
CA TRP A 284 -13.63 -0.56 12.86
C TRP A 284 -12.13 -0.66 12.99
N GLN A 285 -11.51 0.41 13.46
CA GLN A 285 -10.06 0.48 13.50
C GLN A 285 -9.71 1.64 14.38
N GLN A 286 -8.87 1.42 15.38
CA GLN A 286 -8.50 2.47 16.29
C GLN A 286 -7.00 2.43 16.44
N GLN A 287 -6.35 3.55 16.20
CA GLN A 287 -4.91 3.63 16.32
C GLN A 287 -4.56 4.71 17.30
N HIS A 288 -3.45 4.53 17.99
CA HIS A 288 -2.87 5.61 18.75
C HIS A 288 -1.39 5.34 18.86
N TYR A 289 -0.58 6.32 18.45
CA TYR A 289 0.85 6.20 18.57
C TYR A 289 1.46 7.38 19.25
N SER A 290 2.56 7.13 19.94
CA SER A 290 3.39 8.19 20.47
C SER A 290 4.46 8.33 19.43
N ARG A 291 5.02 9.52 19.29
CA ARG A 291 6.08 9.80 18.35
C ARG A 291 6.84 10.96 18.90
N THR A 292 8.15 10.83 19.04
CA THR A 292 8.98 11.94 19.49
C THR A 292 10.41 11.72 19.00
N PHE A 293 11.04 12.79 18.57
CA PHE A 293 12.31 12.70 17.94
C PHE A 293 12.99 14.03 17.99
N PRO A 294 14.32 14.04 17.95
CA PRO A 294 15.04 15.26 17.97
C PRO A 294 15.28 15.70 16.55
N SER A 295 15.17 17.00 16.29
CA SER A 295 15.51 17.54 14.98
C SER A 295 16.19 18.87 15.12
N GLY A 296 17.50 18.86 14.98
CA GLY A 296 18.29 20.04 15.15
C GLY A 296 18.32 20.29 16.63
N SER A 297 18.04 21.53 17.02
CA SER A 297 18.12 21.91 18.41
C SER A 297 16.81 21.59 19.10
N LEU A 298 15.76 21.30 18.33
CA LEU A 298 14.42 21.00 18.85
C LEU A 298 14.29 19.54 19.29
N ILE A 299 13.36 19.27 20.24
CA ILE A 299 12.73 17.94 20.39
C ILE A 299 11.24 18.03 20.07
N VAL A 300 10.84 17.29 19.03
CA VAL A 300 9.48 17.30 18.50
C VAL A 300 8.72 16.17 19.15
N ASN A 301 7.46 16.40 19.45
CA ASN A 301 6.67 15.41 20.13
C ASN A 301 5.23 15.44 19.62
N PRO A 303 2.21 12.94 19.19
CA PRO A 303 1.31 11.82 19.33
C PRO A 303 -0.02 12.10 18.66
N GLN A 304 -0.71 11.06 18.23
CA GLN A 304 -1.91 11.19 17.44
C GLN A 304 -2.85 10.02 17.73
N ARG A 305 -4.13 10.17 17.44
CA ARG A 305 -5.11 9.12 17.68
C ARG A 305 -6.03 9.05 16.50
N TRP A 306 -6.29 7.86 15.99
CA TRP A 306 -7.21 7.71 14.88
C TRP A 306 -8.38 6.83 15.29
N ASN A 307 -9.47 6.96 14.55
CA ASN A 307 -10.65 6.19 14.83
C ASN A 307 -11.63 6.16 13.68
N GLN A 308 -11.32 5.33 12.69
CA GLN A 308 -12.18 5.18 11.54
C GLN A 308 -13.09 3.97 11.65
N ASP A 309 -14.18 4.00 10.88
CA ASP A 309 -15.08 2.87 10.72
C ASP A 309 -15.78 2.95 9.37
N VAL A 310 -15.89 1.82 8.69
CA VAL A 310 -16.40 1.76 7.36
C VAL A 310 -17.48 0.72 7.31
N GLN A 311 -18.60 1.00 6.66
CA GLN A 311 -19.59 -0.03 6.38
C GLN A 311 -19.99 0.03 4.91
N GLU A 312 -19.98 -1.12 4.26
CA GLU A 312 -20.28 -1.22 2.86
C GLU A 312 -21.28 -2.33 2.70
N LEU A 313 -22.11 -2.20 1.67
CA LEU A 313 -23.18 -3.14 1.35
C LEU A 313 -23.29 -3.16 -0.16
N ARG A 314 -23.19 -4.33 -0.79
CA ARG A 314 -23.21 -4.38 -2.24
C ARG A 314 -23.76 -5.67 -2.88
N ALA A 315 -24.62 -5.49 -3.90
CA ALA A 315 -25.18 -6.58 -4.71
C ALA A 315 -24.39 -6.73 -6.01
N ALA A 316 -24.16 -7.95 -6.45
CA ALA A 316 -23.46 -8.20 -7.70
C ALA A 316 -23.93 -9.50 -8.35
N THR A 317 -23.96 -9.51 -9.66
CA THR A 317 -24.48 -10.65 -10.37
C THR A 317 -23.40 -11.66 -10.74
N LEU A 318 -23.47 -12.83 -10.11
CA LEU A 318 -22.79 -14.06 -10.56
C LEU A 318 -23.78 -14.83 -11.40
N GLY A 319 -23.32 -15.70 -12.30
CA GLY A 319 -21.99 -15.68 -12.89
C GLY A 319 -22.33 -15.73 -14.37
N ASP A 320 -21.38 -16.13 -15.21
CA ASP A 320 -21.62 -16.14 -16.66
C ASP A 320 -22.21 -17.48 -17.06
N ALA A 321 -22.68 -17.63 -18.31
CA ALA A 321 -22.74 -16.57 -19.34
C ALA A 321 -23.96 -15.69 -19.10
N ARG A 322 -23.74 -14.40 -19.29
CA ARG A 322 -24.75 -13.40 -19.06
C ARG A 322 -24.40 -12.27 -19.98
N THR A 323 -25.40 -11.55 -20.49
CA THR A 323 -25.12 -10.42 -21.37
C THR A 323 -24.85 -9.12 -20.59
N VAL A 324 -25.28 -9.05 -19.32
CA VAL A 324 -25.02 -7.90 -18.46
C VAL A 324 -24.54 -8.28 -17.04
N ASP A 325 -23.26 -8.00 -16.75
CA ASP A 325 -22.70 -8.15 -15.43
C ASP A 325 -22.90 -6.84 -14.69
N VAL A 327 -22.67 -4.57 -10.69
CA VAL A 327 -22.43 -4.39 -9.26
C VAL A 327 -23.14 -3.14 -8.79
N PHE A 328 -23.60 -3.12 -7.55
CA PHE A 328 -24.19 -1.92 -7.00
C PHE A 328 -23.68 -1.87 -5.60
N GLY A 329 -23.58 -0.70 -4.99
CA GLY A 329 -22.93 -0.57 -3.69
C GLY A 329 -23.36 0.63 -2.87
N LEU A 330 -23.16 0.57 -1.57
CA LEU A 330 -23.48 1.68 -0.70
C LEU A 330 -22.46 1.71 0.41
N TYR A 331 -21.58 2.69 0.36
CA TYR A 331 -20.39 2.73 1.17
C TYR A 331 -20.53 3.90 2.12
N ARG A 332 -19.90 3.81 3.27
CA ARG A 332 -19.95 4.87 4.27
C ARG A 332 -18.73 4.72 5.15
N GLN A 333 -18.01 5.82 5.38
CA GLN A 333 -16.70 5.78 6.03
C GLN A 333 -16.55 7.01 6.89
N ASN A 334 -16.36 6.83 8.17
CA ASN A 334 -16.20 7.96 9.06
C ASN A 334 -14.89 7.88 9.80
N THR A 335 -14.06 8.91 9.70
CA THR A 335 -12.78 8.99 10.40
C THR A 335 -12.70 10.17 11.35
N ARG A 336 -12.04 9.98 12.48
CA ARG A 336 -11.83 11.03 13.46
C ARG A 336 -10.37 10.93 13.84
N GLU A 337 -9.71 12.07 13.93
CA GLU A 337 -8.30 12.08 14.23
C GLU A 337 -8.02 13.19 15.22
N LYS A 338 -7.06 12.99 16.12
CA LYS A 338 -6.66 14.03 17.05
C LYS A 338 -5.15 14.09 17.16
N LEU A 339 -4.58 15.28 17.02
CA LEU A 339 -3.13 15.49 17.08
C LEU A 339 -2.77 16.44 18.19
N ASN A 340 -1.69 16.17 18.92
CA ASN A 340 -1.03 17.14 19.77
C ASN A 340 0.37 17.34 19.27
N SER A 341 0.76 18.57 19.02
CA SER A 341 2.12 18.83 18.64
C SER A 341 2.79 19.55 19.79
N ALA A 342 4.10 19.47 19.81
CA ALA A 342 4.89 20.18 20.76
C ALA A 342 6.30 20.20 20.23
N TYR A 343 6.64 21.28 19.53
CA TYR A 343 8.02 21.56 19.15
C TYR A 343 8.67 22.37 20.27
N ASP A 344 9.90 22.04 20.68
CA ASP A 344 10.48 22.63 21.90
C ASP A 344 11.98 22.86 21.84
N PRO A 346 15.53 23.77 23.95
CA PRO A 346 15.95 23.29 25.26
C PRO A 346 15.40 24.12 26.40
N THR A 347 15.43 25.44 26.23
CA THR A 347 15.12 26.35 27.30
C THR A 347 13.68 26.87 27.30
N PRO A 349 9.46 26.74 25.03
CA PRO A 349 8.63 26.24 23.95
C PRO A 349 8.84 27.03 22.71
N TYR A 350 8.48 26.46 21.57
CA TYR A 350 8.52 27.15 20.30
C TYR A 350 7.15 27.13 19.67
N LEU A 351 6.53 25.95 19.66
CA LEU A 351 5.18 25.77 19.14
C LEU A 351 4.49 24.67 19.92
N SER A 352 3.19 24.83 20.15
CA SER A 352 2.34 23.78 20.69
C SER A 352 1.00 23.86 19.98
N SER A 353 0.26 22.77 19.94
CA SER A 353 -1.04 22.75 19.26
C SER A 353 -1.87 21.55 19.68
N THR A 354 -3.13 21.53 19.26
CA THR A 354 -4.04 20.42 19.53
C THR A 354 -5.19 20.53 18.56
N GLY A 355 -5.40 19.51 17.75
CA GLY A 355 -6.39 19.61 16.67
C GLY A 355 -7.18 18.35 16.45
N TYR A 356 -8.50 18.46 16.58
CA TYR A 356 -9.41 17.41 16.17
C TYR A 356 -9.67 17.75 14.75
N THR A 357 -9.93 16.75 13.93
CA THR A 357 -10.35 16.96 12.55
C THR A 357 -10.91 15.67 12.02
N THR A 358 -12.03 15.75 11.30
CA THR A 358 -12.81 14.58 10.96
C THR A 358 -13.27 14.58 9.51
N ALA A 359 -13.56 13.41 8.96
CA ALA A 359 -14.10 13.29 7.61
C ALA A 359 -15.09 12.13 7.54
N GLU A 360 -16.29 12.36 7.00
CA GLU A 360 -17.31 11.33 6.82
C GLU A 360 -17.69 11.25 5.33
N THR A 361 -18.24 10.14 4.89
CA THR A 361 -18.62 9.98 3.47
C THR A 361 -19.74 8.98 3.27
N LEU A 362 -20.78 9.34 2.54
CA LEU A 362 -21.77 8.38 2.08
C LEU A 362 -21.56 8.32 0.59
N ALA A 363 -21.76 7.17 -0.02
CA ALA A 363 -21.50 7.04 -1.44
C ALA A 363 -22.27 5.85 -2.01
N ALA A 364 -22.99 6.07 -3.11
CA ALA A 364 -23.64 5.00 -3.85
C ALA A 364 -22.83 4.81 -5.10
N TYR A 365 -22.66 3.57 -5.57
CA TYR A 365 -21.95 3.37 -6.84
C TYR A 365 -22.44 2.15 -7.55
N SER A 366 -22.13 2.09 -8.85
CA SER A 366 -22.61 1.01 -9.70
C SER A 366 -21.70 0.82 -10.89
N ASP A 367 -21.49 -0.41 -11.31
CA ASP A 367 -20.63 -0.66 -12.44
C ASP A 367 -21.20 -1.78 -13.30
N LEU A 368 -21.45 -1.46 -14.57
CA LEU A 368 -22.15 -2.31 -15.50
C LEU A 368 -21.20 -2.78 -16.58
N THR A 369 -21.47 -3.97 -17.14
CA THR A 369 -20.75 -4.45 -18.31
C THR A 369 -21.75 -5.02 -19.30
N TRP A 370 -21.48 -4.83 -20.59
CA TRP A 370 -22.38 -5.27 -21.64
C TRP A 370 -21.55 -6.07 -22.60
N HIS A 371 -21.90 -7.34 -22.78
CA HIS A 371 -21.20 -8.18 -23.72
C HIS A 371 -22.00 -8.16 -25.00
N LEU A 372 -21.58 -7.30 -25.93
CA LEU A 372 -22.30 -7.15 -27.19
C LEU A 372 -22.04 -8.37 -28.08
N THR A 373 -20.79 -8.63 -28.44
CA THR A 373 -20.42 -9.84 -29.15
C THR A 373 -19.98 -10.83 -28.09
N ASP A 374 -19.59 -12.03 -28.53
CA ASP A 374 -18.88 -12.97 -27.67
C ASP A 374 -17.49 -12.43 -27.35
N ARG A 375 -16.91 -11.68 -28.29
CA ARG A 375 -15.53 -11.22 -28.16
C ARG A 375 -15.35 -9.72 -27.88
N PHE A 376 -16.45 -9.00 -27.67
CA PHE A 376 -16.41 -7.56 -27.49
C PHE A 376 -17.30 -7.13 -26.32
N ASP A 377 -16.75 -6.36 -25.40
CA ASP A 377 -17.53 -5.80 -24.29
C ASP A 377 -17.23 -4.32 -24.00
N ILE A 378 -18.26 -3.59 -23.62
CA ILE A 378 -18.21 -2.18 -23.35
C ILE A 378 -18.69 -2.05 -21.93
N GLY A 379 -17.96 -1.35 -21.08
CA GLY A 379 -18.36 -1.26 -19.67
C GLY A 379 -18.18 0.13 -19.12
N GLY A 380 -18.88 0.45 -18.04
CA GLY A 380 -18.74 1.75 -17.45
C GLY A 380 -19.46 1.87 -16.13
N GLY A 381 -18.89 2.63 -15.19
CA GLY A 381 -19.51 2.81 -13.89
C GLY A 381 -19.45 4.24 -13.39
N VAL A 382 -20.25 4.54 -12.37
CA VAL A 382 -20.33 5.87 -11.86
C VAL A 382 -20.45 5.79 -10.35
N ARG A 383 -19.87 6.77 -9.64
CA ARG A 383 -19.94 6.82 -8.18
C ARG A 383 -20.34 8.19 -7.72
N PHE A 384 -21.44 8.27 -6.97
CA PHE A 384 -21.87 9.49 -6.33
C PHE A 384 -21.27 9.42 -4.95
N SER A 385 -20.90 10.55 -4.39
CA SER A 385 -20.18 10.57 -3.13
C SER A 385 -20.37 11.90 -2.43
N HIS A 386 -20.82 11.90 -1.19
CA HIS A 386 -21.04 13.13 -0.43
C HIS A 386 -20.11 13.17 0.76
N ASP A 387 -19.05 13.95 0.65
CA ASP A 387 -18.01 14.05 1.67
C ASP A 387 -18.34 15.18 2.65
N LYS A 388 -18.11 14.97 3.94
CA LYS A 388 -18.19 16.02 4.94
C LYS A 388 -16.85 16.09 5.63
N SER A 389 -16.57 17.19 6.31
CA SER A 389 -15.24 17.36 6.96
C SER A 389 -15.29 18.48 7.96
N SER A 390 -14.38 18.47 8.93
CA SER A 390 -14.53 19.40 10.03
C SER A 390 -13.38 19.45 11.00
N THR A 391 -12.52 20.45 10.84
CA THR A 391 -11.40 20.68 11.75
C THR A 391 -11.81 21.47 12.98
N GLN A 392 -10.91 21.50 13.96
CA GLN A 392 -11.03 22.36 15.13
C GLN A 392 -9.75 22.36 15.94
N TYR A 393 -8.98 23.43 15.88
CA TYR A 393 -7.69 23.44 16.54
C TYR A 393 -7.40 24.72 17.30
N HIS A 394 -6.41 24.64 18.17
CA HIS A 394 -5.90 25.81 18.87
C HIS A 394 -4.45 25.58 19.26
N GLY A 395 -3.65 26.64 19.30
CA GLY A 395 -2.22 26.50 19.58
C GLY A 395 -1.54 27.80 19.98
N SER A 396 -0.22 27.83 19.88
CA SER A 396 0.54 28.99 20.32
C SER A 396 1.96 29.00 19.79
N LEU A 398 5.48 30.94 19.34
CA LEU A 398 6.33 31.98 19.84
C LEU A 398 5.48 32.85 20.73
N GLY A 399 4.63 32.21 21.53
CA GLY A 399 3.72 32.89 22.44
C GLY A 399 2.56 33.66 21.81
N ASN A 400 2.18 33.33 20.58
CA ASN A 400 1.05 33.99 19.94
C ASN A 400 -0.12 33.05 19.69
N PRO A 401 -1.08 33.03 20.61
CA PRO A 401 -2.32 32.28 20.47
C PRO A 401 -2.89 32.30 19.08
N PHE A 402 -3.26 31.13 18.57
CA PHE A 402 -4.02 31.01 17.33
C PHE A 402 -5.03 29.91 17.49
N GLY A 403 -5.81 29.66 16.44
CA GLY A 403 -6.80 28.60 16.49
C GLY A 403 -8.06 28.97 15.77
N ASP A 404 -8.71 27.99 15.16
CA ASP A 404 -9.94 28.20 14.43
C ASP A 404 -10.79 26.93 14.47
N GLN A 405 -11.94 26.96 13.80
CA GLN A 405 -12.75 25.77 13.59
C GLN A 405 -13.50 25.88 12.28
N GLY A 406 -14.16 24.81 11.84
CA GLY A 406 -14.82 24.85 10.54
C GLY A 406 -15.35 23.52 10.04
N LYS A 407 -16.59 23.55 9.55
CA LYS A 407 -17.26 22.40 8.96
C LYS A 407 -17.27 22.65 7.48
N SER A 408 -17.65 21.64 6.71
CA SER A 408 -17.70 21.77 5.27
C SER A 408 -18.35 20.55 4.65
N ASN A 409 -18.68 20.63 3.37
CA ASN A 409 -19.07 19.45 2.61
C ASN A 409 -19.08 19.72 1.12
N ASP A 410 -19.26 18.68 0.35
CA ASP A 410 -18.93 18.72 -1.05
C ASP A 410 -19.39 17.37 -1.58
N ASP A 411 -19.58 17.25 -2.89
CA ASP A 411 -19.86 15.95 -3.46
C ASP A 411 -19.33 15.82 -4.85
N GLN A 412 -18.77 14.65 -5.14
CA GLN A 412 -18.15 14.37 -6.41
C GLN A 412 -18.84 13.23 -7.12
N VAL A 413 -18.49 13.09 -8.40
CA VAL A 413 -19.04 12.06 -9.24
C VAL A 413 -17.94 11.58 -10.15
N LEU A 414 -17.40 10.41 -9.83
CA LEU A 414 -16.32 9.82 -10.61
C LEU A 414 -16.92 8.83 -11.59
N GLY A 415 -16.15 8.33 -12.55
CA GLY A 415 -16.68 7.37 -13.50
C GLY A 415 -15.65 6.61 -14.31
N GLN A 416 -16.06 5.50 -14.87
CA GLN A 416 -15.16 4.70 -15.69
C GLN A 416 -15.80 4.45 -17.02
N LEU A 417 -14.98 4.11 -18.01
CA LEU A 417 -15.47 3.60 -19.27
C LEU A 417 -14.42 2.67 -19.80
N SER A 418 -14.83 1.52 -20.30
CA SER A 418 -13.86 0.57 -20.81
C SER A 418 -14.38 -0.21 -21.99
N ALA A 419 -13.44 -0.72 -22.77
CA ALA A 419 -13.79 -1.47 -23.96
C ALA A 419 -12.72 -2.51 -24.19
N GLY A 420 -13.16 -3.69 -24.62
CA GLY A 420 -12.22 -4.77 -24.83
C GLY A 420 -12.67 -5.67 -25.96
N TYR A 421 -11.82 -5.79 -26.96
CA TYR A 421 -12.04 -6.71 -28.03
C TYR A 421 -11.07 -7.83 -27.75
N LEU A 423 -8.90 -10.13 -29.51
CA LEU A 423 -8.29 -10.43 -30.79
C LEU A 423 -8.38 -11.92 -31.08
N THR A 424 -7.66 -12.76 -30.34
CA THR A 424 -7.84 -14.21 -30.43
C THR A 424 -8.52 -14.72 -29.17
N ASP A 425 -8.51 -16.04 -28.99
CA ASP A 425 -9.18 -16.67 -27.84
C ASP A 425 -8.50 -16.27 -26.52
N ASP A 426 -7.22 -15.92 -26.59
CA ASP A 426 -6.44 -15.59 -25.40
C ASP A 426 -5.47 -14.39 -25.61
N TRP A 427 -5.92 -13.39 -26.36
CA TRP A 427 -5.15 -12.18 -26.56
C TRP A 427 -6.13 -11.04 -26.74
N ARG A 428 -6.34 -10.26 -25.67
CA ARG A 428 -7.30 -9.15 -25.73
C ARG A 428 -6.61 -7.80 -25.72
N VAL A 429 -7.33 -6.79 -26.19
CA VAL A 429 -6.89 -5.41 -26.19
C VAL A 429 -8.01 -4.63 -25.52
N TYR A 430 -7.64 -3.72 -24.62
CA TYR A 430 -8.63 -2.96 -23.88
C TYR A 430 -8.31 -1.48 -23.85
N THR A 431 -9.28 -0.71 -23.39
CA THR A 431 -9.14 0.70 -23.29
C THR A 431 -9.97 1.20 -22.13
N ARG A 432 -9.51 2.28 -21.51
CA ARG A 432 -10.05 2.72 -20.23
C ARG A 432 -10.04 4.20 -20.10
N VAL A 433 -11.06 4.74 -19.48
CA VAL A 433 -11.03 6.12 -19.04
C VAL A 433 -11.54 6.14 -17.62
N ALA A 434 -10.65 6.39 -16.67
CA ALA A 434 -10.98 6.29 -15.26
C ALA A 434 -10.73 7.61 -14.59
N GLN A 435 -11.12 7.73 -13.35
CA GLN A 435 -11.18 9.03 -12.73
C GLN A 435 -11.08 8.91 -11.20
N GLY A 436 -9.90 9.20 -10.65
CA GLY A 436 -9.67 9.20 -9.19
C GLY A 436 -9.80 10.58 -8.55
N TYR A 437 -9.59 10.67 -7.25
CA TYR A 437 -9.74 11.93 -6.52
C TYR A 437 -9.37 11.83 -5.05
N LYS A 438 -8.89 12.91 -4.45
CA LYS A 438 -8.77 13.02 -2.99
C LYS A 438 -9.76 14.07 -2.60
N PRO A 439 -10.46 13.89 -1.48
CA PRO A 439 -11.61 14.74 -1.26
C PRO A 439 -11.16 16.11 -0.82
N SER A 440 -12.08 17.06 -0.87
CA SER A 440 -11.88 18.35 -0.27
C SER A 440 -11.89 18.07 1.21
N GLY A 441 -11.40 19.01 1.99
CA GLY A 441 -11.32 18.83 3.42
C GLY A 441 -10.31 19.76 4.03
N TYR A 442 -10.00 19.49 5.28
CA TYR A 442 -9.21 20.39 6.08
C TYR A 442 -7.83 19.85 6.33
N ASN A 443 -6.89 20.77 6.43
CA ASN A 443 -5.52 20.49 6.78
C ASN A 443 -5.51 19.69 8.11
N ILE A 444 -4.72 18.62 8.18
CA ILE A 444 -4.67 17.77 9.37
C ILE A 444 -3.86 18.38 10.50
N VAL A 445 -2.72 19.00 10.16
CA VAL A 445 -1.90 19.74 11.13
C VAL A 445 -2.32 21.23 11.21
N PRO A 446 -2.55 21.73 12.42
CA PRO A 446 -2.70 23.15 12.64
C PRO A 446 -1.59 23.96 12.02
N THR A 447 -1.92 25.12 11.49
CA THR A 447 -0.94 26.11 11.07
C THR A 447 -1.26 27.32 11.92
N ALA A 448 -0.26 28.03 12.41
CA ALA A 448 -0.53 29.32 13.03
C ALA A 448 -0.94 30.31 11.94
N GLY A 449 -1.72 31.32 12.33
CA GLY A 449 -1.89 32.50 11.49
C GLY A 449 -2.96 32.44 10.41
N LEU A 450 -2.88 31.46 9.52
CA LEU A 450 -3.89 31.38 8.46
C LEU A 450 -5.19 30.78 9.03
N ASP A 451 -6.33 31.41 8.73
CA ASP A 451 -7.64 30.91 9.16
C ASP A 451 -8.04 29.71 8.31
N ALA A 452 -8.86 28.83 8.91
CA ALA A 452 -9.18 27.54 8.32
C ALA A 452 -10.24 27.66 7.22
N LYS A 453 -9.77 27.70 5.96
CA LYS A 453 -10.62 27.54 4.78
C LYS A 453 -10.28 26.16 4.19
N PRO A 454 -11.27 25.27 4.04
CA PRO A 454 -11.06 23.96 3.43
C PRO A 454 -10.57 24.03 1.99
N PHE A 455 -9.63 23.17 1.64
CA PHE A 455 -9.16 23.08 0.25
C PHE A 455 -10.15 22.25 -0.53
N VAL A 456 -10.11 22.35 -1.86
CA VAL A 456 -11.03 21.62 -2.73
C VAL A 456 -10.39 20.35 -3.26
N ALA A 457 -11.21 19.43 -3.77
CA ALA A 457 -10.74 18.10 -4.13
C ALA A 457 -9.72 18.14 -5.24
N GLU A 458 -8.70 17.31 -5.11
CA GLU A 458 -7.76 17.01 -6.17
C GLU A 458 -8.54 16.11 -7.07
N LYS A 459 -8.21 16.09 -8.35
CA LYS A 459 -9.01 15.42 -9.35
C LYS A 459 -8.08 14.82 -10.39
N SER A 460 -7.99 13.50 -10.43
CA SER A 460 -7.17 12.83 -11.44
C SER A 460 -8.06 12.31 -12.54
N ILE A 461 -7.47 12.01 -13.70
CA ILE A 461 -8.23 11.43 -14.81
C ILE A 461 -7.31 10.79 -15.83
N ASN A 462 -7.47 9.48 -16.01
CA ASN A 462 -6.52 8.64 -16.75
C ASN A 462 -7.14 8.07 -18.01
N TYR A 463 -6.39 8.05 -19.09
CA TYR A 463 -6.75 7.35 -20.30
C TYR A 463 -5.71 6.26 -20.53
N GLU A 464 -6.14 5.02 -20.77
CA GLU A 464 -5.22 3.88 -20.84
C GLU A 464 -5.55 3.01 -22.03
N LEU A 465 -4.51 2.57 -22.74
CA LEU A 465 -4.68 1.61 -23.84
C LEU A 465 -3.69 0.49 -23.60
N GLY A 466 -4.20 -0.73 -23.44
CA GLY A 466 -3.36 -1.87 -23.08
C GLY A 466 -3.84 -3.19 -23.62
N THR A 467 -2.96 -4.18 -23.54
CA THR A 467 -3.21 -5.51 -24.05
C THR A 467 -2.76 -6.58 -23.05
N ARG A 468 -3.40 -7.75 -23.11
N ARG A 468 -3.41 -7.75 -23.07
CA ARG A 468 -3.01 -8.91 -22.31
CA ARG A 468 -2.97 -8.91 -22.27
C ARG A 468 -3.06 -10.19 -23.13
C ARG A 468 -3.09 -10.21 -23.07
N TYR A 469 -2.07 -11.05 -22.96
CA TYR A 469 -1.99 -12.30 -23.68
C TYR A 469 -1.72 -13.43 -22.70
N GLU A 470 -2.71 -14.30 -22.48
CA GLU A 470 -2.60 -15.36 -21.47
C GLU A 470 -2.71 -16.78 -22.07
N THR A 471 -1.58 -17.49 -22.07
CA THR A 471 -1.47 -18.91 -22.41
C THR A 471 -1.42 -19.69 -21.09
N ALA A 472 -1.26 -21.02 -21.18
CA ALA A 472 -1.01 -21.84 -20.00
C ALA A 472 0.39 -21.56 -19.44
N ASP A 473 1.37 -21.43 -20.34
CA ASP A 473 2.78 -21.24 -19.98
C ASP A 473 3.27 -19.78 -20.03
N VAL A 474 2.42 -18.85 -20.48
CA VAL A 474 2.85 -17.47 -20.72
C VAL A 474 1.78 -16.42 -20.38
N THR A 475 2.15 -15.43 -19.58
CA THR A 475 1.34 -14.23 -19.42
C THR A 475 2.17 -13.02 -19.84
N LEU A 476 1.60 -12.22 -20.74
CA LEU A 476 2.24 -10.99 -21.20
C LEU A 476 1.19 -9.90 -21.07
N GLN A 477 1.62 -8.72 -20.67
CA GLN A 477 0.72 -7.63 -20.34
C GLN A 477 1.47 -6.33 -20.54
N ALA A 478 0.96 -5.44 -21.38
CA ALA A 478 1.60 -4.15 -21.61
C ALA A 478 0.53 -3.11 -21.75
N ALA A 479 0.86 -1.86 -21.40
CA ALA A 479 -0.11 -0.76 -21.49
C ALA A 479 0.58 0.58 -21.72
N THR A 480 -0.20 1.53 -22.22
CA THR A 480 0.25 2.91 -22.42
C THR A 480 -0.80 3.88 -21.87
N PHE A 481 -0.37 4.98 -21.28
CA PHE A 481 -1.29 5.73 -20.44
C PHE A 481 -0.89 7.15 -20.14
N TYR A 482 -1.89 7.95 -19.80
CA TYR A 482 -1.73 9.36 -19.55
C TYR A 482 -2.70 9.71 -18.43
N THR A 483 -2.19 10.33 -17.36
CA THR A 483 -3.02 10.76 -16.25
C THR A 483 -2.80 12.24 -16.08
N HIS A 484 -3.87 12.96 -15.78
CA HIS A 484 -3.79 14.38 -15.56
C HIS A 484 -4.39 14.65 -14.22
N THR A 485 -3.59 15.14 -13.29
CA THR A 485 -4.05 15.49 -11.96
C THR A 485 -4.15 16.99 -11.86
N LYS A 486 -5.09 17.50 -11.08
CA LYS A 486 -5.29 18.95 -10.96
C LYS A 486 -5.83 19.36 -9.60
N ASP A 487 -5.80 20.65 -9.31
CA ASP A 487 -6.07 21.18 -7.97
C ASP A 487 -5.33 20.38 -6.90
N GLN A 489 -3.17 19.05 -3.91
CA GLN A 489 -2.91 19.54 -2.58
C GLN A 489 -1.41 19.44 -2.26
N LEU A 490 -0.76 20.58 -1.98
CA LEU A 490 0.70 20.66 -1.83
C LEU A 490 1.19 21.44 -0.60
N GLN A 498 3.08 27.58 7.53
CA GLN A 498 2.88 26.55 6.52
C GLN A 498 1.40 26.44 6.15
N THR A 499 1.08 25.61 5.14
CA THR A 499 -0.28 25.55 4.56
C THR A 499 -0.49 24.26 3.73
N LEU A 500 -1.77 23.88 3.56
CA LEU A 500 -2.14 22.87 2.57
C LEU A 500 -3.33 23.39 1.76
N SER A 501 -3.00 24.00 0.63
CA SER A 501 -3.97 24.50 -0.32
C SER A 501 -3.70 23.78 -1.63
N ASN A 502 -4.61 23.94 -2.58
CA ASN A 502 -4.49 23.27 -3.88
C ASN A 502 -3.99 24.20 -4.96
N ALA A 503 -2.82 23.91 -5.47
CA ALA A 503 -2.12 24.81 -6.32
C ALA A 503 -1.12 23.98 -7.11
N GLY A 504 -1.60 23.22 -8.09
CA GLY A 504 -0.73 22.31 -8.79
C GLY A 504 -1.42 21.51 -9.87
N LYS A 505 -0.65 21.13 -10.87
CA LYS A 505 -1.16 20.36 -11.98
C LYS A 505 -0.02 19.50 -12.44
N ALA A 506 -0.32 18.27 -12.82
CA ALA A 506 0.72 17.33 -13.20
C ALA A 506 0.23 16.46 -14.34
N ASP A 507 1.16 15.96 -15.15
CA ASP A 507 0.82 15.12 -16.27
C ASP A 507 1.76 13.94 -16.28
N ALA A 508 1.22 12.76 -16.00
CA ALA A 508 2.03 11.55 -16.01
C ALA A 508 1.64 10.76 -17.24
N THR A 509 2.64 10.34 -18.00
CA THR A 509 2.41 9.53 -19.18
C THR A 509 3.57 8.56 -19.34
N GLY A 510 3.30 7.34 -19.77
CA GLY A 510 4.34 6.32 -19.88
C GLY A 510 3.84 5.02 -20.47
N VAL A 511 4.69 3.99 -20.38
CA VAL A 511 4.38 2.64 -20.86
C VAL A 511 4.94 1.57 -19.92
N GLU A 512 4.17 0.52 -19.66
CA GLU A 512 4.57 -0.59 -18.78
C GLU A 512 4.50 -1.89 -19.56
N LEU A 513 5.35 -2.83 -19.16
CA LEU A 513 5.36 -4.19 -19.68
C LEU A 513 5.66 -5.13 -18.51
N GLU A 514 4.79 -6.13 -18.32
CA GLU A 514 5.05 -7.21 -17.38
C GLU A 514 4.86 -8.52 -18.14
N ALA A 515 5.78 -9.47 -17.98
CA ALA A 515 5.71 -10.75 -18.69
C ALA A 515 6.29 -11.89 -17.84
N LYS A 516 5.70 -13.07 -17.98
CA LYS A 516 6.04 -14.24 -17.14
C LYS A 516 6.00 -15.51 -17.99
N TRP A 517 7.01 -16.38 -17.88
CA TRP A 517 7.14 -17.54 -18.76
C TRP A 517 7.64 -18.78 -18.04
N ARG A 518 6.78 -19.80 -17.91
CA ARG A 518 7.20 -21.10 -17.35
C ARG A 518 7.87 -21.94 -18.43
N PHE A 519 9.17 -21.77 -18.60
CA PHE A 519 9.87 -22.38 -19.72
C PHE A 519 9.93 -23.89 -19.54
N ALA A 520 10.45 -24.35 -18.41
CA ALA A 520 10.37 -25.77 -18.02
C ALA A 520 9.17 -25.99 -17.11
N PRO A 521 9.00 -27.22 -16.56
CA PRO A 521 8.06 -27.43 -15.46
C PRO A 521 8.75 -27.22 -14.11
N GLY A 522 8.08 -26.52 -13.20
CA GLY A 522 8.68 -26.12 -11.91
C GLY A 522 9.47 -24.81 -11.92
N TRP A 523 9.79 -24.30 -13.12
CA TRP A 523 10.57 -23.07 -13.28
C TRP A 523 9.72 -21.98 -13.90
N SER A 524 10.01 -20.73 -13.54
CA SER A 524 9.43 -19.56 -14.21
C SER A 524 10.42 -18.40 -14.27
N TRP A 525 10.18 -17.53 -15.24
CA TRP A 525 11.03 -16.37 -15.51
C TRP A 525 10.15 -15.14 -15.60
N ASP A 526 10.31 -14.20 -14.67
CA ASP A 526 9.53 -12.95 -14.67
C ASP A 526 10.40 -11.89 -15.28
N ILE A 527 9.77 -10.95 -15.98
CA ILE A 527 10.45 -9.76 -16.46
C ILE A 527 9.48 -8.60 -16.38
N ASN A 528 10.00 -7.40 -16.15
CA ASN A 528 9.15 -6.20 -16.17
C ASN A 528 9.93 -4.91 -16.32
N GLY A 529 9.25 -3.91 -16.88
CA GLY A 529 9.86 -2.64 -17.17
C GLY A 529 8.79 -1.59 -17.37
N ASN A 530 9.10 -0.35 -17.01
CA ASN A 530 8.22 0.76 -17.22
C ASN A 530 9.06 1.99 -17.48
N VAL A 531 8.59 2.87 -18.35
CA VAL A 531 9.23 4.17 -18.59
C VAL A 531 8.18 5.26 -18.50
N ILE A 532 8.38 6.21 -17.61
CA ILE A 532 7.38 7.22 -17.30
C ILE A 532 8.00 8.61 -17.27
N ARG A 533 7.25 9.60 -17.72
CA ARG A 533 7.59 10.99 -17.51
C ARG A 533 6.43 11.62 -16.80
N SER A 534 6.66 12.10 -15.57
CA SER A 534 5.63 12.76 -14.81
C SER A 534 6.16 14.10 -14.34
N GLU A 535 5.57 15.17 -14.86
CA GLU A 535 6.03 16.53 -14.65
C GLU A 535 4.85 17.41 -14.28
N PHE A 536 5.13 18.47 -13.53
CA PHE A 536 4.12 19.48 -13.33
C PHE A 536 3.92 20.25 -14.63
N THR A 537 2.73 20.82 -14.82
CA THR A 537 2.42 21.45 -16.07
C THR A 537 3.04 22.82 -16.06
N ASN A 538 3.26 23.40 -17.24
CA ASN A 538 3.84 24.74 -17.34
C ASN A 538 3.02 25.85 -16.69
N ASP A 539 1.71 25.63 -16.59
CA ASP A 539 0.82 26.60 -15.96
C ASP A 539 0.53 26.24 -14.49
N SER A 540 1.41 25.46 -13.87
CA SER A 540 1.18 25.05 -12.49
C SER A 540 1.59 26.14 -11.54
N GLU A 541 0.75 26.36 -10.52
CA GLU A 541 1.05 27.40 -9.54
C GLU A 541 2.35 27.09 -8.78
N LEU A 542 2.85 25.85 -8.83
CA LEU A 542 4.10 25.48 -8.15
C LEU A 542 4.93 24.45 -8.91
N TYR A 543 6.23 24.48 -8.67
CA TYR A 543 7.17 23.56 -9.30
C TYR A 543 6.96 23.39 -10.80
N HIS A 544 6.33 24.36 -11.44
CA HIS A 544 6.02 24.22 -12.85
C HIS A 544 7.23 23.70 -13.63
N GLY A 545 7.00 22.68 -14.44
CA GLY A 545 8.03 22.16 -15.32
C GLY A 545 8.87 21.07 -14.69
N ASN A 546 8.92 21.06 -13.37
CA ASN A 546 9.72 20.08 -12.64
C ASN A 546 9.10 18.69 -12.66
N ARG A 547 9.96 17.68 -12.55
CA ARG A 547 9.52 16.30 -12.37
C ARG A 547 8.73 16.21 -11.08
N VAL A 548 7.70 15.37 -11.08
CA VAL A 548 6.96 15.03 -9.89
C VAL A 548 7.83 14.10 -9.03
N PRO A 549 7.91 14.39 -7.74
CA PRO A 549 8.76 13.60 -6.88
C PRO A 549 8.27 12.16 -6.60
N PHE A 550 9.24 11.31 -6.31
CA PHE A 550 9.07 9.89 -5.99
C PHE A 550 8.63 9.06 -7.19
N VAL A 551 8.94 9.48 -8.41
CA VAL A 551 8.50 8.72 -9.59
C VAL A 551 9.66 8.37 -10.48
N PRO A 552 10.26 7.21 -10.30
CA PRO A 552 11.43 6.93 -11.14
C PRO A 552 11.14 7.08 -12.62
N ARG A 553 12.10 7.61 -13.38
CA ARG A 553 11.94 7.91 -14.80
C ARG A 553 11.63 6.62 -15.52
N TYR A 554 12.37 5.59 -15.14
CA TYR A 554 12.20 4.28 -15.69
C TYR A 554 12.53 3.26 -14.62
N GLY A 555 11.99 2.06 -14.74
CA GLY A 555 12.28 1.00 -13.80
C GLY A 555 12.07 -0.32 -14.50
N ALA A 556 12.92 -1.30 -14.23
CA ALA A 556 12.70 -2.62 -14.77
C ALA A 556 13.30 -3.64 -13.82
N GLY A 557 12.77 -4.86 -13.88
CA GLY A 557 13.25 -5.96 -13.06
C GLY A 557 13.00 -7.30 -13.71
N SER A 558 13.68 -8.32 -13.20
CA SER A 558 13.51 -9.69 -13.66
C SER A 558 13.91 -10.69 -12.60
N SER A 559 13.41 -11.92 -12.71
CA SER A 559 13.64 -12.91 -11.67
C SER A 559 13.31 -14.33 -12.09
N VAL A 560 14.31 -15.19 -12.07
CA VAL A 560 14.11 -16.60 -12.31
C VAL A 560 14.06 -17.34 -10.99
N ASN A 561 13.19 -18.34 -10.93
CA ASN A 561 13.13 -19.24 -9.78
C ASN A 561 12.56 -20.58 -10.20
N GLY A 562 13.15 -21.66 -9.70
CA GLY A 562 12.65 -23.00 -10.00
C GLY A 562 12.91 -24.02 -8.92
N VAL A 563 12.77 -25.30 -9.31
CA VAL A 563 12.97 -26.44 -8.43
C VAL A 563 13.91 -27.46 -9.04
N ILE A 564 15.18 -27.45 -8.65
CA ILE A 564 16.07 -28.59 -8.92
C ILE A 564 15.53 -29.70 -8.03
N ASP A 565 15.88 -30.96 -8.32
CA ASP A 565 15.45 -32.09 -7.49
C ASP A 565 16.64 -32.97 -7.18
N THR A 566 16.75 -33.44 -5.95
CA THR A 566 17.94 -34.21 -5.55
C THR A 566 17.61 -35.37 -4.61
N ARG A 567 18.62 -36.21 -4.40
CA ARG A 567 18.56 -37.34 -3.46
C ARG A 567 18.30 -36.86 -2.03
N TYR A 568 18.86 -35.71 -1.64
CA TYR A 568 18.62 -35.12 -0.31
C TYR A 568 17.29 -34.35 -0.12
N GLY A 569 16.52 -34.20 -1.19
CA GLY A 569 15.25 -33.46 -1.13
C GLY A 569 15.34 -32.27 -2.08
N ALA A 570 14.20 -31.74 -2.50
CA ALA A 570 14.16 -30.68 -3.50
C ALA A 570 14.89 -29.41 -3.06
N LEU A 571 15.72 -28.85 -3.95
CA LEU A 571 16.30 -27.51 -3.79
C LEU A 571 15.50 -26.53 -4.64
N PRO A 573 16.03 -22.69 -6.00
CA PRO A 573 16.79 -21.45 -5.99
C PRO A 573 16.02 -20.36 -6.70
N ARG A 574 16.16 -19.14 -6.18
CA ARG A 574 15.57 -17.97 -6.77
C ARG A 574 16.65 -16.92 -6.93
N LEU A 575 16.57 -16.21 -8.05
CA LEU A 575 17.49 -15.10 -8.35
C LEU A 575 16.60 -13.95 -8.82
N ALA A 576 16.85 -12.75 -8.30
CA ALA A 576 15.98 -11.63 -8.64
C ALA A 576 16.78 -10.35 -8.73
N VAL A 577 16.57 -9.62 -9.82
CA VAL A 577 17.26 -8.35 -10.04
C VAL A 577 16.21 -7.23 -10.10
N ASN A 578 16.57 -6.05 -9.64
CA ASN A 578 15.67 -4.90 -9.71
C ASN A 578 16.44 -3.63 -9.98
N LEU A 579 15.93 -2.83 -10.93
CA LEU A 579 16.54 -1.56 -11.34
C LEU A 579 15.53 -0.45 -11.13
N VAL A 580 15.91 0.58 -10.38
CA VAL A 580 15.05 1.74 -10.12
C VAL A 580 15.70 3.01 -10.66
N GLY A 581 15.03 3.68 -11.59
CA GLY A 581 15.62 4.86 -12.26
C GLY A 581 15.75 6.10 -11.38
N PRO A 582 16.24 7.21 -11.95
CA PRO A 582 16.45 8.42 -11.19
C PRO A 582 15.18 9.07 -10.77
N HIS A 583 15.16 9.66 -9.59
CA HIS A 583 13.97 10.37 -9.12
C HIS A 583 14.36 11.48 -8.17
N TYR A 584 13.42 12.37 -7.84
CA TYR A 584 13.64 13.49 -6.93
C TYR A 584 12.75 13.35 -5.70
N PHE A 585 13.11 13.96 -4.59
CA PHE A 585 12.26 13.91 -3.41
C PHE A 585 11.47 15.18 -3.18
N ASP A 586 11.82 16.27 -3.85
CA ASP A 586 11.17 17.54 -3.61
C ASP A 586 10.53 18.08 -4.85
N GLY A 587 9.60 19.01 -4.68
CA GLY A 587 9.02 19.71 -5.82
C GLY A 587 10.06 20.53 -6.59
N ASP A 588 10.99 21.13 -5.85
CA ASP A 588 12.01 21.96 -6.44
C ASP A 588 13.11 21.16 -7.16
N ASN A 589 13.03 19.84 -7.13
CA ASN A 589 13.98 19.02 -7.87
C ASN A 589 15.45 19.31 -7.55
N GLN A 590 15.70 19.63 -6.29
CA GLN A 590 17.05 19.92 -5.84
C GLN A 590 17.69 18.69 -5.18
N LEU A 591 16.90 17.63 -4.96
CA LEU A 591 17.36 16.46 -4.22
C LEU A 591 17.15 15.17 -5.02
N ARG A 592 18.13 14.78 -5.83
CA ARG A 592 17.95 13.63 -6.71
C ARG A 592 18.68 12.39 -6.29
N GLN A 593 18.05 11.24 -6.54
CA GLN A 593 18.65 9.96 -6.18
C GLN A 593 19.48 9.41 -7.31
N GLY A 594 18.83 9.01 -8.39
CA GLY A 594 19.61 8.52 -9.51
C GLY A 594 19.97 7.06 -9.37
N THR A 595 20.22 6.42 -10.52
CA THR A 595 19.88 5.01 -10.69
C THR A 595 20.59 4.09 -9.73
N TYR A 596 19.94 3.00 -9.38
CA TYR A 596 20.56 1.93 -8.63
C TYR A 596 19.90 0.61 -9.01
N ALA A 597 20.63 -0.49 -8.85
CA ALA A 597 20.04 -1.79 -9.04
C ALA A 597 20.49 -2.70 -7.90
N THR A 598 19.74 -3.77 -7.66
CA THR A 598 20.04 -4.70 -6.58
C THR A 598 19.70 -6.12 -6.99
N LEU A 599 20.58 -7.05 -6.60
CA LEU A 599 20.41 -8.47 -6.90
C LEU A 599 20.06 -9.15 -5.60
N ASP A 600 18.90 -9.81 -5.55
CA ASP A 600 18.50 -10.59 -4.40
C ASP A 600 18.61 -12.05 -4.81
N SER A 601 18.85 -12.93 -3.85
CA SER A 601 18.73 -14.36 -4.12
C SER A 601 18.46 -15.20 -2.88
N SER A 602 18.02 -16.42 -3.12
CA SER A 602 17.67 -17.34 -2.06
C SER A 602 17.74 -18.77 -2.55
N LEU A 603 17.97 -19.69 -1.62
CA LEU A 603 17.95 -21.10 -1.90
C LEU A 603 17.11 -21.82 -0.83
N GLY A 604 15.98 -22.39 -1.24
CA GLY A 604 15.17 -23.24 -0.37
C GLY A 604 15.60 -24.70 -0.38
N TRP A 605 15.25 -25.43 0.67
CA TRP A 605 15.56 -26.85 0.76
C TRP A 605 14.46 -27.57 1.50
N GLN A 606 13.77 -28.51 0.84
CA GLN A 606 12.74 -29.35 1.47
C GLN A 606 13.35 -30.53 2.22
N ALA A 607 14.10 -30.24 3.28
CA ALA A 607 14.80 -31.26 4.06
C ALA A 607 13.93 -32.47 4.35
N THR A 608 12.79 -32.26 5.02
CA THR A 608 11.82 -33.33 5.25
C THR A 608 10.52 -32.91 4.57
N GLU A 609 9.49 -33.75 4.62
CA GLU A 609 8.32 -33.49 3.78
C GLU A 609 7.56 -32.31 4.30
N ARG A 610 7.60 -32.08 5.62
CA ARG A 610 6.87 -30.95 6.20
C ARG A 610 7.75 -29.79 6.57
N ASN A 612 10.67 -27.11 5.50
CA ASN A 612 11.49 -26.46 4.50
C ASN A 612 12.37 -25.40 5.14
N ILE A 613 13.68 -25.57 5.08
CA ILE A 613 14.65 -24.55 5.49
C ILE A 613 15.17 -23.78 4.27
N SER A 614 15.43 -22.49 4.44
CA SER A 614 16.04 -21.71 3.36
C SER A 614 17.02 -20.65 3.84
N VAL A 615 17.96 -20.30 2.97
CA VAL A 615 18.89 -19.19 3.20
C VAL A 615 18.77 -18.21 2.05
N TYR A 616 18.90 -16.94 2.37
CA TYR A 616 18.69 -15.86 1.42
C TYR A 616 19.57 -14.69 1.75
N VAL A 617 20.25 -14.18 0.74
CA VAL A 617 20.88 -12.88 0.85
C VAL A 617 20.19 -11.99 -0.14
N ASP A 618 19.65 -10.88 0.31
CA ASP A 618 19.09 -9.94 -0.64
C ASP A 618 19.82 -8.59 -0.55
N ASN A 619 19.85 -7.91 -1.70
CA ASN A 619 20.88 -6.91 -2.05
C ASN A 619 22.29 -7.44 -1.83
N LEU A 620 22.71 -8.31 -2.73
CA LEU A 620 23.94 -9.07 -2.55
C LEU A 620 25.15 -8.18 -2.55
N PHE A 621 25.16 -7.17 -3.41
CA PHE A 621 26.33 -6.31 -3.59
C PHE A 621 26.33 -5.06 -2.68
N ASP A 622 25.62 -5.11 -1.56
CA ASP A 622 25.57 -4.03 -0.57
C ASP A 622 25.52 -2.65 -1.19
N ARG A 623 24.72 -2.50 -2.23
CA ARG A 623 24.51 -1.18 -2.85
C ARG A 623 23.73 -0.29 -1.91
N ARG A 624 24.15 0.96 -1.76
CA ARG A 624 23.39 1.92 -0.96
C ARG A 624 22.69 2.97 -1.80
N TYR A 625 21.64 3.55 -1.24
CA TYR A 625 20.87 4.54 -1.95
C TYR A 625 19.94 5.26 -0.99
N ARG A 626 19.29 6.31 -1.45
CA ARG A 626 18.53 7.13 -0.55
C ARG A 626 17.05 6.84 -0.67
N THR A 627 16.46 6.66 0.49
CA THR A 627 15.09 6.30 0.65
C THR A 627 14.22 7.53 0.61
N TYR A 628 14.74 8.61 1.17
CA TYR A 628 14.00 9.85 1.35
C TYR A 628 14.95 10.96 1.76
N GLY A 629 14.56 12.19 1.47
CA GLY A 629 15.34 13.35 1.85
C GLY A 629 14.51 14.60 1.94
N TYR A 630 15.05 15.59 2.63
CA TYR A 630 14.42 16.89 2.70
C TYR A 630 15.50 17.86 3.08
N ASN A 632 16.72 20.59 5.52
CA ASN A 632 16.57 21.26 6.78
C ASN A 632 17.46 22.46 6.73
N GLY A 633 16.84 23.63 6.54
CA GLY A 633 17.56 24.87 6.36
C GLY A 633 18.40 24.75 5.12
N SER A 634 19.70 24.93 5.28
CA SER A 634 20.59 24.84 4.15
C SER A 634 21.16 23.45 3.98
N SER A 635 20.94 22.54 4.92
CA SER A 635 21.59 21.21 4.83
C SER A 635 20.67 20.08 4.36
N ALA A 636 21.00 19.53 3.18
CA ALA A 636 20.32 18.36 2.65
C ALA A 636 20.60 17.21 3.58
N VAL A 637 19.55 16.51 4.00
CA VAL A 637 19.66 15.29 4.79
C VAL A 637 18.81 14.22 4.17
N ALA A 638 19.22 12.97 4.37
CA ALA A 638 18.63 11.84 3.68
C ALA A 638 18.57 10.67 4.62
N GLN A 639 17.56 9.81 4.42
CA GLN A 639 17.51 8.47 5.02
C GLN A 639 18.03 7.51 3.96
N VAL A 640 18.58 6.38 4.39
CA VAL A 640 19.30 5.50 3.48
C VAL A 640 18.90 4.06 3.70
N ASN A 641 19.14 3.20 2.72
CA ASN A 641 18.74 1.81 2.84
C ASN A 641 19.69 1.10 3.78
N GLY A 643 21.07 -1.86 3.61
CA GLY A 643 22.21 -2.42 2.94
C GLY A 643 21.88 -3.82 2.48
N ARG A 644 22.74 -4.76 2.83
CA ARG A 644 22.54 -6.14 2.47
C ARG A 644 22.13 -6.85 3.71
N THR A 645 21.15 -7.76 3.60
CA THR A 645 20.78 -8.63 4.71
C THR A 645 20.90 -10.06 4.23
N VAL A 646 21.56 -10.90 5.03
CA VAL A 646 21.56 -12.35 4.83
C VAL A 646 20.72 -12.95 5.92
N GLY A 647 20.12 -14.10 5.67
CA GLY A 647 19.23 -14.71 6.66
C GLY A 647 18.86 -16.16 6.42
N ILE A 648 18.38 -16.79 7.48
CA ILE A 648 17.97 -18.18 7.45
C ILE A 648 16.52 -18.22 7.93
N ASN A 649 15.66 -18.93 7.21
CA ASN A 649 14.22 -18.92 7.47
C ASN A 649 13.60 -20.29 7.26
N THR A 650 13.06 -20.87 8.33
CA THR A 650 12.55 -22.23 8.29
C THR A 650 11.05 -22.36 8.61
N ARG A 651 10.37 -23.27 7.91
CA ARG A 651 8.94 -23.41 8.08
C ARG A 651 8.50 -24.84 8.16
N ILE A 652 8.20 -25.31 9.35
CA ILE A 652 7.49 -26.57 9.54
C ILE A 652 6.01 -26.31 9.35
N ASP A 653 5.30 -27.12 8.58
CA ASP A 653 3.85 -26.92 8.54
C ASP A 653 3.07 -28.11 9.06
N PHE A 654 1.94 -27.79 9.68
CA PHE A 654 1.20 -28.74 10.47
C PHE A 654 0.31 -29.55 9.55
N PHE A 655 -0.23 -30.64 10.11
CA PHE A 655 -1.19 -31.52 9.44
C PHE A 655 -0.72 -31.92 8.04
#